data_8PWC
#
_entry.id   8PWC
#
_cell.length_a   83.207
_cell.length_b   83.207
_cell.length_c   42.056
_cell.angle_alpha   90.00
_cell.angle_beta   90.00
_cell.angle_gamma   120.00
#
_symmetry.space_group_name_H-M   'P 32'
#
loop_
_entity.id
_entity.type
_entity.pdbx_description
1 polymer 'E3 ubiquitin-protein ligase Mdm2'
2 non-polymer Brigimadlin
3 water water
#
_entity_poly.entity_id   1
_entity_poly.type   'polypeptide(L)'
_entity_poly.pdbx_seq_one_letter_code
;GSQIPASEQETLVRPKPLLLKLLKSVGAQKDTYTMKEVLFYLGQYIMTKRLYDEKQQHIVYCSNDLLGDLFGVPSFSVKE
HRKIYTMIYRNLVVVNQQESSDSGTSVSEN
;
_entity_poly.pdbx_strand_id   A,B,C
#
loop_
_chem_comp.id
_chem_comp.type
_chem_comp.name
_chem_comp.formula
G7I non-polymer Brigimadlin 'C31 H25 Cl2 F N4 O3'
#
# COMPACT_ATOMS: atom_id res chain seq x y z
N GLY A 1 -31.30 -10.99 12.88
CA GLY A 1 -30.78 -11.20 11.54
C GLY A 1 -29.35 -11.70 11.52
N SER A 2 -28.97 -12.48 12.57
CA SER A 2 -27.64 -13.05 12.71
C SER A 2 -27.51 -14.47 12.12
N GLN A 3 -28.58 -15.06 11.51
CA GLN A 3 -28.47 -16.44 11.01
C GLN A 3 -28.36 -16.44 9.48
N ILE A 4 -27.40 -17.18 9.00
CA ILE A 4 -27.10 -17.29 7.58
C ILE A 4 -27.10 -18.77 7.25
N PRO A 5 -27.79 -19.22 6.17
CA PRO A 5 -27.74 -20.65 5.85
C PRO A 5 -26.35 -21.15 5.61
N ALA A 6 -26.07 -22.42 5.98
CA ALA A 6 -24.77 -23.05 5.67
C ALA A 6 -24.42 -22.93 4.20
N SER A 7 -25.41 -23.07 3.31
CA SER A 7 -25.12 -23.00 1.88
C SER A 7 -24.47 -21.70 1.48
N GLU A 8 -24.89 -20.58 2.05
CA GLU A 8 -24.24 -19.30 1.74
C GLU A 8 -22.85 -19.23 2.35
N GLN A 9 -22.67 -19.73 3.55
CA GLN A 9 -21.37 -19.73 4.21
C GLN A 9 -20.32 -20.48 3.45
N GLU A 10 -20.75 -21.60 2.83
CA GLU A 10 -19.83 -22.56 2.20
C GLU A 10 -19.65 -22.33 0.73
N THR A 11 -20.30 -21.30 0.15
CA THR A 11 -20.18 -21.05 -1.29
C THR A 11 -18.84 -20.40 -1.57
N LEU A 12 -18.22 -20.80 -2.67
CA LEU A 12 -16.96 -20.22 -3.12
C LEU A 12 -17.23 -18.91 -3.83
N VAL A 13 -16.44 -17.91 -3.51
CA VAL A 13 -16.55 -16.56 -3.97
C VAL A 13 -15.16 -16.03 -4.35
N ARG A 14 -15.19 -15.03 -5.24
CA ARG A 14 -14.00 -14.34 -5.73
C ARG A 14 -14.08 -12.84 -5.34
N PRO A 15 -13.34 -12.42 -4.33
CA PRO A 15 -13.32 -11.00 -3.95
C PRO A 15 -12.80 -10.08 -5.05
N LYS A 16 -13.35 -8.86 -5.05
CA LYS A 16 -12.90 -7.79 -5.91
C LYS A 16 -11.58 -7.26 -5.31
N PRO A 17 -10.85 -6.40 -6.04
CA PRO A 17 -9.50 -6.03 -5.57
C PRO A 17 -9.33 -5.41 -4.19
N LEU A 18 -10.23 -4.51 -3.73
CA LEU A 18 -10.03 -3.91 -2.40
C LEU A 18 -10.24 -4.95 -1.33
N LEU A 19 -11.28 -5.81 -1.47
CA LEU A 19 -11.47 -6.86 -0.46
C LEU A 19 -10.27 -7.82 -0.42
N LEU A 20 -9.74 -8.14 -1.60
CA LEU A 20 -8.55 -9.01 -1.69
C LEU A 20 -7.36 -8.39 -0.94
N LYS A 21 -7.15 -7.07 -1.07
CA LYS A 21 -6.04 -6.38 -0.39
C LYS A 21 -6.21 -6.51 1.13
N LEU A 22 -7.44 -6.37 1.63
CA LEU A 22 -7.66 -6.49 3.08
C LEU A 22 -7.36 -7.91 3.54
N LEU A 23 -7.80 -8.89 2.78
CA LEU A 23 -7.55 -10.30 3.10
C LEU A 23 -6.03 -10.61 3.07
N LYS A 24 -5.32 -10.12 2.06
CA LYS A 24 -3.86 -10.35 1.98
C LYS A 24 -3.11 -9.70 3.15
N SER A 25 -3.64 -8.59 3.70
CA SER A 25 -2.99 -7.89 4.78
C SER A 25 -2.93 -8.75 6.05
N VAL A 26 -3.87 -9.72 6.19
CA VAL A 26 -3.84 -10.67 7.30
C VAL A 26 -3.36 -12.08 6.88
N GLY A 27 -2.63 -12.17 5.78
CA GLY A 27 -1.99 -13.40 5.35
C GLY A 27 -2.78 -14.34 4.48
N ALA A 28 -3.98 -13.91 4.02
CA ALA A 28 -4.82 -14.72 3.15
C ALA A 28 -4.41 -14.38 1.76
N GLN A 29 -3.65 -15.31 1.16
CA GLN A 29 -3.04 -15.18 -0.18
C GLN A 29 -3.61 -16.23 -1.11
N LYS A 30 -4.91 -16.10 -1.29
CA LYS A 30 -5.64 -16.80 -2.32
C LYS A 30 -6.65 -15.84 -2.93
N ASP A 31 -7.15 -16.19 -4.11
CA ASP A 31 -8.10 -15.37 -4.82
C ASP A 31 -9.51 -15.91 -4.78
N THR A 32 -9.72 -17.12 -4.26
CA THR A 32 -11.03 -17.76 -4.15
C THR A 32 -11.14 -18.29 -2.73
N TYR A 33 -12.23 -18.00 -2.06
N TYR A 33 -12.24 -18.00 -2.07
CA TYR A 33 -12.47 -18.44 -0.68
CA TYR A 33 -12.48 -18.43 -0.70
C TYR A 33 -13.92 -18.71 -0.47
C TYR A 33 -13.94 -18.77 -0.51
N THR A 34 -14.27 -19.50 0.56
CA THR A 34 -15.69 -19.60 0.91
C THR A 34 -16.04 -18.28 1.63
N MET A 35 -17.35 -17.96 1.69
CA MET A 35 -17.80 -16.79 2.44
C MET A 35 -17.41 -16.88 3.91
N LYS A 36 -17.49 -18.09 4.50
CA LYS A 36 -17.07 -18.23 5.91
C LYS A 36 -15.60 -17.88 6.07
N GLU A 37 -14.75 -18.29 5.12
CA GLU A 37 -13.31 -17.96 5.18
C GLU A 37 -13.11 -16.43 5.07
N VAL A 38 -13.86 -15.76 4.17
CA VAL A 38 -13.77 -14.29 4.07
C VAL A 38 -14.12 -13.65 5.44
N LEU A 39 -15.15 -14.17 6.07
CA LEU A 39 -15.56 -13.63 7.38
C LEU A 39 -14.56 -13.93 8.49
N PHE A 40 -13.91 -15.07 8.42
CA PHE A 40 -12.83 -15.39 9.34
C PHE A 40 -11.71 -14.37 9.20
N TYR A 41 -11.22 -14.18 7.98
CA TYR A 41 -10.10 -13.29 7.79
C TYR A 41 -10.48 -11.85 8.09
N LEU A 42 -11.66 -11.39 7.69
CA LEU A 42 -12.11 -10.04 8.05
C LEU A 42 -12.28 -9.84 9.56
N GLY A 43 -12.61 -10.89 10.30
CA GLY A 43 -12.68 -10.81 11.75
C GLY A 43 -11.28 -10.59 12.29
N GLN A 44 -10.30 -11.29 11.76
CA GLN A 44 -8.88 -11.14 12.18
C GLN A 44 -8.37 -9.73 11.80
N TYR A 45 -8.81 -9.23 10.64
CA TYR A 45 -8.49 -7.88 10.19
C TYR A 45 -9.01 -6.85 11.20
N ILE A 46 -10.27 -6.96 11.58
CA ILE A 46 -10.88 -6.05 12.57
C ILE A 46 -10.09 -6.04 13.88
N MET A 47 -9.70 -7.22 14.37
N MET A 47 -9.75 -7.21 14.37
CA MET A 47 -8.95 -7.33 15.63
CA MET A 47 -9.01 -7.32 15.63
C MET A 47 -7.50 -6.89 15.52
C MET A 47 -7.59 -6.73 15.46
N THR A 48 -6.87 -7.06 14.36
CA THR A 48 -5.49 -6.59 14.15
C THR A 48 -5.43 -5.06 14.00
N LYS A 49 -6.45 -4.44 13.39
CA LYS A 49 -6.51 -2.99 13.23
C LYS A 49 -7.09 -2.28 14.48
N ARG A 50 -7.43 -3.05 15.55
CA ARG A 50 -7.98 -2.52 16.79
C ARG A 50 -9.30 -1.79 16.57
N LEU A 51 -10.16 -2.31 15.68
CA LEU A 51 -11.45 -1.70 15.38
C LEU A 51 -12.58 -2.28 16.27
N TYR A 52 -12.26 -3.25 17.17
CA TYR A 52 -13.21 -3.82 18.11
C TYR A 52 -12.57 -4.21 19.47
N ASP A 53 -12.18 -3.22 20.28
CA ASP A 53 -11.68 -3.52 21.63
C ASP A 53 -12.83 -3.61 22.64
N GLU A 54 -13.97 -2.92 22.38
CA GLU A 54 -15.06 -2.89 23.35
C GLU A 54 -15.96 -4.04 23.01
N LYS A 55 -15.56 -5.20 23.48
CA LYS A 55 -16.22 -6.46 23.16
C LYS A 55 -17.59 -6.66 23.84
N GLN A 56 -17.94 -5.83 24.83
CA GLN A 56 -19.25 -5.90 25.54
C GLN A 56 -20.37 -5.13 24.85
N GLN A 57 -20.15 -4.64 23.64
CA GLN A 57 -21.14 -3.93 22.82
C GLN A 57 -20.93 -4.44 21.36
N HIS A 58 -21.76 -4.05 20.45
CA HIS A 58 -21.81 -4.66 19.13
C HIS A 58 -21.25 -3.85 17.97
N ILE A 59 -20.83 -2.58 18.15
CA ILE A 59 -20.51 -1.75 17.01
C ILE A 59 -19.01 -1.67 16.67
N VAL A 60 -18.71 -1.72 15.37
CA VAL A 60 -17.38 -1.52 14.82
C VAL A 60 -17.48 -0.17 14.14
N TYR A 61 -16.57 0.76 14.49
CA TYR A 61 -16.54 2.07 13.89
C TYR A 61 -15.41 2.03 12.88
N CYS A 62 -15.71 2.26 11.62
CA CYS A 62 -14.73 2.07 10.54
C CYS A 62 -14.58 3.26 9.62
N SER A 63 -15.04 4.46 10.02
CA SER A 63 -14.95 5.61 9.12
C SER A 63 -13.49 6.02 8.80
N ASN A 64 -12.53 5.66 9.66
CA ASN A 64 -11.11 6.00 9.43
C ASN A 64 -10.28 4.81 8.93
N ASP A 65 -10.93 3.79 8.36
CA ASP A 65 -10.26 2.60 7.88
C ASP A 65 -10.78 2.23 6.50
N LEU A 66 -9.97 1.51 5.72
CA LEU A 66 -10.39 1.02 4.42
C LEU A 66 -11.60 0.11 4.51
N LEU A 67 -11.91 -0.47 5.68
CA LEU A 67 -13.09 -1.30 5.82
C LEU A 67 -14.36 -0.44 5.65
N GLY A 68 -14.34 0.81 6.10
CA GLY A 68 -15.47 1.71 5.90
C GLY A 68 -15.68 2.06 4.44
N ASP A 69 -14.59 2.20 3.70
CA ASP A 69 -14.67 2.44 2.26
C ASP A 69 -15.19 1.22 1.52
N LEU A 70 -14.75 0.03 1.92
CA LEU A 70 -15.20 -1.23 1.34
C LEU A 70 -16.69 -1.42 1.54
N PHE A 71 -17.17 -1.24 2.77
CA PHE A 71 -18.58 -1.44 3.11
C PHE A 71 -19.47 -0.25 2.82
N GLY A 72 -18.91 0.92 2.63
CA GLY A 72 -19.68 2.11 2.35
C GLY A 72 -20.47 2.64 3.53
N VAL A 73 -20.00 2.34 4.75
CA VAL A 73 -20.69 2.78 5.97
C VAL A 73 -19.68 3.30 6.99
N PRO A 74 -20.09 4.20 7.92
CA PRO A 74 -19.15 4.63 8.99
C PRO A 74 -19.01 3.66 10.15
N SER A 75 -20.02 2.81 10.32
CA SER A 75 -20.07 1.81 11.37
C SER A 75 -21.08 0.74 11.06
N PHE A 76 -20.93 -0.40 11.71
CA PHE A 76 -21.89 -1.48 11.58
C PHE A 76 -21.91 -2.34 12.84
N SER A 77 -22.97 -3.14 13.00
CA SER A 77 -23.12 -4.04 14.10
C SER A 77 -22.62 -5.44 13.73
N VAL A 78 -21.77 -6.02 14.63
CA VAL A 78 -21.26 -7.37 14.41
C VAL A 78 -22.30 -8.43 14.52
N LYS A 79 -23.46 -8.13 15.12
CA LYS A 79 -24.55 -9.09 15.26
C LYS A 79 -25.43 -9.18 13.99
N GLU A 80 -25.32 -8.19 13.07
CA GLU A 80 -26.21 -8.12 11.94
C GLU A 80 -25.56 -8.82 10.76
N HIS A 81 -25.52 -10.17 10.87
CA HIS A 81 -24.81 -10.95 9.88
C HIS A 81 -25.34 -10.78 8.46
N ARG A 82 -26.65 -10.69 8.29
CA ARG A 82 -27.21 -10.55 6.96
C ARG A 82 -26.75 -9.25 6.31
N LYS A 83 -26.74 -8.16 7.05
CA LYS A 83 -26.28 -6.87 6.53
C LYS A 83 -24.80 -6.93 6.13
N ILE A 84 -23.98 -7.65 6.90
CA ILE A 84 -22.57 -7.83 6.60
C ILE A 84 -22.41 -8.66 5.32
N TYR A 85 -23.17 -9.77 5.17
CA TYR A 85 -23.12 -10.58 3.94
C TYR A 85 -23.47 -9.71 2.76
N THR A 86 -24.53 -8.87 2.88
CA THR A 86 -24.91 -7.98 1.76
C THR A 86 -23.75 -7.04 1.38
N MET A 87 -23.07 -6.47 2.40
CA MET A 87 -21.96 -5.54 2.14
C MET A 87 -20.78 -6.26 1.50
N ILE A 88 -20.56 -7.50 1.87
CA ILE A 88 -19.47 -8.27 1.25
C ILE A 88 -19.88 -8.67 -0.16
N TYR A 89 -21.13 -9.06 -0.39
CA TYR A 89 -21.58 -9.47 -1.75
C TYR A 89 -21.40 -8.38 -2.78
N ARG A 90 -21.47 -7.10 -2.36
CA ARG A 90 -21.18 -5.95 -3.24
C ARG A 90 -19.72 -5.83 -3.64
N ASN A 91 -18.81 -6.61 -2.99
CA ASN A 91 -17.37 -6.61 -3.20
C ASN A 91 -16.88 -7.95 -3.76
N LEU A 92 -17.79 -8.73 -4.43
CA LEU A 92 -17.41 -9.97 -5.12
C LEU A 92 -17.57 -9.83 -6.60
N VAL A 93 -16.77 -10.61 -7.32
CA VAL A 93 -16.78 -10.66 -8.78
C VAL A 93 -18.08 -11.37 -9.18
N VAL A 94 -18.82 -10.73 -10.09
CA VAL A 94 -20.11 -11.12 -10.69
C VAL A 94 -21.00 -11.92 -9.76
N GLY B 1 -7.95 14.62 -22.52
CA GLY B 1 -8.75 14.81 -21.31
C GLY B 1 -7.98 15.44 -20.16
N SER B 2 -6.94 16.24 -20.49
CA SER B 2 -6.10 16.88 -19.48
C SER B 2 -6.56 18.31 -19.07
N GLN B 3 -7.65 18.85 -19.66
CA GLN B 3 -8.10 20.23 -19.37
C GLN B 3 -9.24 20.19 -18.36
N ILE B 4 -9.08 20.94 -17.29
CA ILE B 4 -10.08 21.03 -16.23
C ILE B 4 -10.43 22.46 -16.05
N PRO B 5 -11.72 22.85 -16.07
CA PRO B 5 -12.03 24.29 -15.87
C PRO B 5 -11.44 24.85 -14.59
N ALA B 6 -11.04 26.12 -14.60
CA ALA B 6 -10.52 26.79 -13.40
C ALA B 6 -11.52 26.69 -12.27
N SER B 7 -12.84 26.82 -12.59
CA SER B 7 -13.83 26.77 -11.54
C SER B 7 -13.75 25.50 -10.71
N GLU B 8 -13.49 24.36 -11.34
CA GLU B 8 -13.36 23.10 -10.61
C GLU B 8 -12.04 23.05 -9.86
N GLN B 9 -10.95 23.60 -10.44
CA GLN B 9 -9.66 23.64 -9.73
C GLN B 9 -9.71 24.42 -8.45
N GLU B 10 -10.50 25.50 -8.47
CA GLU B 10 -10.52 26.46 -7.39
C GLU B 10 -11.63 26.28 -6.38
N THR B 11 -12.44 25.22 -6.55
CA THR B 11 -13.51 24.93 -5.60
C THR B 11 -12.93 24.32 -4.32
N LEU B 12 -13.49 24.71 -3.17
CA LEU B 12 -13.13 24.17 -1.88
C LEU B 12 -13.80 22.84 -1.73
N VAL B 13 -13.05 21.88 -1.21
CA VAL B 13 -13.47 20.52 -0.99
C VAL B 13 -13.02 20.05 0.38
N ARG B 14 -13.70 19.03 0.88
CA ARG B 14 -13.41 18.40 2.16
C ARG B 14 -13.05 16.93 1.95
N PRO B 15 -11.78 16.57 1.98
CA PRO B 15 -11.40 15.15 1.82
C PRO B 15 -11.96 14.27 2.94
N LYS B 16 -12.26 13.06 2.58
CA LYS B 16 -12.65 12.03 3.50
C LYS B 16 -11.41 11.65 4.35
N PRO B 17 -11.62 10.96 5.49
CA PRO B 17 -10.51 10.70 6.40
C PRO B 17 -9.27 10.05 5.81
N LEU B 18 -9.41 9.03 4.94
CA LEU B 18 -8.21 8.36 4.43
C LEU B 18 -7.43 9.23 3.45
N LEU B 19 -8.12 10.06 2.66
CA LEU B 19 -7.41 11.02 1.80
C LEU B 19 -6.70 12.08 2.69
N LEU B 20 -7.35 12.50 3.78
CA LEU B 20 -6.71 13.41 4.74
C LEU B 20 -5.40 12.79 5.32
N LYS B 21 -5.40 11.48 5.61
CA LYS B 21 -4.18 10.81 6.08
C LYS B 21 -3.03 10.92 5.06
N LEU B 22 -3.34 10.76 3.75
CA LEU B 22 -2.30 10.89 2.73
C LEU B 22 -1.77 12.30 2.70
N LEU B 23 -2.70 13.29 2.78
CA LEU B 23 -2.31 14.67 2.72
C LEU B 23 -1.45 15.01 3.96
N LYS B 24 -1.85 14.55 5.14
CA LYS B 24 -1.06 14.83 6.37
C LYS B 24 0.35 14.25 6.29
N SER B 25 0.52 13.13 5.56
CA SER B 25 1.83 12.49 5.42
C SER B 25 2.84 13.39 4.69
N VAL B 26 2.34 14.36 3.86
CA VAL B 26 3.21 15.32 3.20
C VAL B 26 3.10 16.72 3.81
N GLY B 27 2.61 16.84 5.05
CA GLY B 27 2.57 18.11 5.75
C GLY B 27 1.32 18.96 5.61
N ALA B 28 0.31 18.47 4.89
CA ALA B 28 -0.93 19.21 4.68
C ALA B 28 -1.85 18.85 5.80
N GLN B 29 -1.93 19.76 6.81
CA GLN B 29 -2.67 19.63 8.08
C GLN B 29 -3.84 20.64 8.10
N LYS B 30 -4.67 20.55 7.11
CA LYS B 30 -5.95 21.22 7.11
C LYS B 30 -6.96 20.23 6.59
N ASP B 31 -8.24 20.55 6.81
CA ASP B 31 -9.31 19.65 6.40
C ASP B 31 -10.13 20.17 5.24
N THR B 32 -9.82 21.42 4.75
CA THR B 32 -10.52 22.03 3.63
C THR B 32 -9.43 22.58 2.73
N TYR B 33 -9.49 22.25 1.45
CA TYR B 33 -8.51 22.68 0.47
C TYR B 33 -9.20 22.90 -0.87
N THR B 34 -8.56 23.67 -1.76
CA THR B 34 -9.08 23.69 -3.14
C THR B 34 -8.65 22.38 -3.79
N MET B 35 -9.35 21.96 -4.87
CA MET B 35 -8.95 20.80 -5.64
C MET B 35 -7.50 20.96 -6.14
N LYS B 36 -7.10 22.18 -6.59
CA LYS B 36 -5.72 22.35 -7.07
C LYS B 36 -4.71 22.07 -5.93
N GLU B 37 -5.02 22.49 -4.70
CA GLU B 37 -4.13 22.25 -3.55
C GLU B 37 -4.04 20.75 -3.28
N VAL B 38 -5.21 20.04 -3.32
CA VAL B 38 -5.18 18.57 -3.17
C VAL B 38 -4.26 17.93 -4.19
N LEU B 39 -4.37 18.39 -5.45
CA LEU B 39 -3.50 17.83 -6.51
C LEU B 39 -2.03 18.21 -6.33
N PHE B 40 -1.73 19.38 -5.80
CA PHE B 40 -0.34 19.75 -5.47
C PHE B 40 0.22 18.74 -4.44
N TYR B 41 -0.50 18.57 -3.34
CA TYR B 41 -0.02 17.68 -2.29
C TYR B 41 0.07 16.25 -2.74
N LEU B 42 -0.92 15.76 -3.51
CA LEU B 42 -0.87 14.42 -4.04
C LEU B 42 0.29 14.22 -5.01
N GLY B 43 0.65 15.22 -5.77
CA GLY B 43 1.83 15.15 -6.64
C GLY B 43 3.07 14.99 -5.81
N GLN B 44 3.18 15.75 -4.69
CA GLN B 44 4.34 15.64 -3.80
C GLN B 44 4.37 14.24 -3.13
N TYR B 45 3.20 13.72 -2.79
CA TYR B 45 3.04 12.39 -2.22
C TYR B 45 3.56 11.33 -3.19
N ILE B 46 3.13 11.43 -4.43
CA ILE B 46 3.56 10.49 -5.48
C ILE B 46 5.08 10.47 -5.61
N MET B 47 5.72 11.65 -5.61
CA MET B 47 7.19 11.75 -5.75
C MET B 47 7.90 11.27 -4.49
N THR B 48 7.39 11.61 -3.30
CA THR B 48 8.05 11.17 -2.05
C THR B 48 7.97 9.66 -1.87
N LYS B 49 6.86 9.02 -2.30
CA LYS B 49 6.69 7.55 -2.24
C LYS B 49 7.26 6.84 -3.49
N ARG B 50 7.86 7.58 -4.43
CA ARG B 50 8.47 7.03 -5.64
C ARG B 50 7.50 6.17 -6.43
N LEU B 51 6.26 6.66 -6.57
CA LEU B 51 5.24 5.96 -7.32
C LEU B 51 5.30 6.35 -8.82
N TYR B 52 6.11 7.36 -9.21
CA TYR B 52 6.32 7.84 -10.56
C TYR B 52 7.81 7.93 -10.80
N ASP B 53 8.28 7.57 -11.98
CA ASP B 53 9.72 7.63 -12.28
C ASP B 53 10.09 8.45 -13.56
N GLU B 54 9.37 8.26 -14.66
CA GLU B 54 9.61 8.96 -15.95
C GLU B 54 9.87 7.92 -17.04
N LYS B 55 10.59 6.84 -16.71
CA LYS B 55 10.77 5.77 -17.70
C LYS B 55 9.47 4.93 -17.86
N GLN B 56 8.43 5.15 -17.00
CA GLN B 56 7.18 4.39 -17.04
C GLN B 56 6.07 5.08 -17.89
N GLN B 57 6.45 5.85 -18.92
CA GLN B 57 5.55 6.45 -19.90
C GLN B 57 4.28 7.10 -19.32
N HIS B 58 4.43 8.02 -18.36
CA HIS B 58 3.32 8.77 -17.77
C HIS B 58 2.41 7.98 -16.85
N ILE B 59 2.79 6.77 -16.48
CA ILE B 59 1.95 5.90 -15.69
C ILE B 59 2.43 5.85 -14.23
N VAL B 60 1.50 6.00 -13.27
CA VAL B 60 1.76 5.88 -11.83
C VAL B 60 1.26 4.47 -11.49
N TYR B 61 2.10 3.65 -10.87
CA TYR B 61 1.68 2.30 -10.53
C TYR B 61 1.43 2.37 -9.00
N CYS B 62 0.18 2.19 -8.56
CA CYS B 62 -0.19 2.40 -7.17
C CYS B 62 -0.92 1.23 -6.53
N SER B 63 -0.82 0.02 -7.07
CA SER B 63 -1.56 -1.13 -6.52
C SER B 63 -1.15 -1.49 -5.09
N ASN B 64 0.08 -1.20 -4.67
CA ASN B 64 0.58 -1.52 -3.33
C ASN B 64 0.69 -0.29 -2.44
N ASP B 65 -0.14 0.73 -2.69
CA ASP B 65 -0.15 1.95 -1.92
C ASP B 65 -1.59 2.34 -1.58
N LEU B 66 -1.77 3.02 -0.47
CA LEU B 66 -3.06 3.55 -0.07
C LEU B 66 -3.70 4.40 -1.19
N LEU B 67 -2.87 5.08 -2.00
CA LEU B 67 -3.41 5.86 -3.11
C LEU B 67 -4.21 5.01 -4.11
N GLY B 68 -3.73 3.81 -4.41
CA GLY B 68 -4.45 2.91 -5.30
C GLY B 68 -5.74 2.39 -4.69
N ASP B 69 -5.72 2.17 -3.37
CA ASP B 69 -6.91 1.71 -2.68
C ASP B 69 -7.99 2.78 -2.71
N LEU B 70 -7.60 4.04 -2.50
CA LEU B 70 -8.53 5.14 -2.55
C LEU B 70 -9.02 5.44 -3.95
N PHE B 71 -8.15 5.41 -4.93
CA PHE B 71 -8.54 5.67 -6.30
C PHE B 71 -9.26 4.51 -6.96
N GLY B 72 -9.07 3.30 -6.43
CA GLY B 72 -9.75 2.12 -6.94
C GLY B 72 -9.17 1.57 -8.22
N VAL B 73 -7.91 1.86 -8.47
CA VAL B 73 -7.24 1.43 -9.68
C VAL B 73 -5.81 0.96 -9.34
N PRO B 74 -5.25 0.01 -10.10
CA PRO B 74 -3.85 -0.39 -9.87
C PRO B 74 -2.79 0.57 -10.49
N SER B 75 -3.22 1.37 -11.46
CA SER B 75 -2.39 2.34 -12.15
C SER B 75 -3.26 3.38 -12.86
N PHE B 76 -2.67 4.53 -13.15
CA PHE B 76 -3.34 5.56 -13.90
C PHE B 76 -2.31 6.44 -14.63
N SER B 77 -2.76 7.15 -15.64
CA SER B 77 -1.93 8.06 -16.39
C SER B 77 -1.97 9.46 -15.78
N VAL B 78 -0.80 10.05 -15.59
CA VAL B 78 -0.72 11.45 -15.09
C VAL B 78 -1.27 12.47 -16.08
N LYS B 79 -1.42 12.11 -17.36
CA LYS B 79 -1.94 13.04 -18.33
C LYS B 79 -3.48 13.07 -18.36
N GLU B 80 -4.17 12.11 -17.74
CA GLU B 80 -5.61 11.99 -17.79
C GLU B 80 -6.22 12.69 -16.59
N HIS B 81 -6.17 14.03 -16.65
CA HIS B 81 -6.62 14.83 -15.51
C HIS B 81 -8.08 14.67 -15.14
N ARG B 82 -8.97 14.49 -16.13
CA ARG B 82 -10.39 14.29 -15.79
C ARG B 82 -10.59 13.00 -15.00
N LYS B 83 -9.94 11.92 -15.41
CA LYS B 83 -10.02 10.64 -14.69
C LYS B 83 -9.51 10.80 -13.25
N ILE B 84 -8.44 11.57 -13.05
CA ILE B 84 -7.90 11.81 -11.72
C ILE B 84 -8.87 12.61 -10.88
N TYR B 85 -9.50 13.67 -11.45
CA TYR B 85 -10.51 14.43 -10.70
C TYR B 85 -11.63 13.52 -10.29
N THR B 86 -12.11 12.64 -11.20
CA THR B 86 -13.16 11.68 -10.86
C THR B 86 -12.78 10.78 -9.68
N MET B 87 -11.55 10.27 -9.69
CA MET B 87 -11.05 9.41 -8.64
C MET B 87 -10.94 10.15 -7.31
N ILE B 88 -10.51 11.40 -7.34
CA ILE B 88 -10.45 12.21 -6.10
C ILE B 88 -11.88 12.53 -5.61
N TYR B 89 -12.80 12.87 -6.51
CA TYR B 89 -14.19 13.19 -6.13
C TYR B 89 -14.84 12.07 -5.35
N ARG B 90 -14.45 10.80 -5.60
CA ARG B 90 -14.97 9.67 -4.81
C ARG B 90 -14.46 9.64 -3.35
N ASN B 91 -13.46 10.47 -3.02
CA ASN B 91 -12.82 10.55 -1.73
C ASN B 91 -13.07 11.88 -1.07
N LEU B 92 -14.15 12.61 -1.45
CA LEU B 92 -14.56 13.83 -0.81
C LEU B 92 -15.87 13.64 -0.09
N VAL B 93 -16.05 14.41 0.98
CA VAL B 93 -17.27 14.42 1.77
C VAL B 93 -18.33 15.07 0.87
N VAL B 94 -19.48 14.43 0.74
CA VAL B 94 -20.55 14.93 -0.12
C VAL B 94 -21.62 15.62 0.73
N VAL B 95 -22.18 16.68 0.19
CA VAL B 95 -23.26 17.47 0.79
C VAL B 95 -24.41 16.61 1.35
N GLN C 3 32.67 4.68 -7.82
CA GLN C 3 33.08 6.03 -7.43
C GLN C 3 32.25 6.54 -6.23
N ILE C 4 32.57 6.08 -5.02
CA ILE C 4 31.88 6.50 -3.80
C ILE C 4 32.94 7.03 -2.84
N PRO C 5 32.83 8.26 -2.27
CA PRO C 5 33.86 8.69 -1.31
C PRO C 5 34.02 7.75 -0.12
N ALA C 6 35.26 7.66 0.38
CA ALA C 6 35.56 6.82 1.53
C ALA C 6 34.72 7.22 2.75
N SER C 7 34.42 8.52 2.91
CA SER C 7 33.61 8.98 4.04
C SER C 7 32.25 8.29 4.09
N GLU C 8 31.60 8.09 2.94
CA GLU C 8 30.30 7.42 2.89
C GLU C 8 30.49 5.92 3.15
N GLN C 9 31.55 5.31 2.60
CA GLN C 9 31.80 3.88 2.78
C GLN C 9 32.02 3.51 4.24
N GLU C 10 32.67 4.40 4.98
CA GLU C 10 33.07 4.15 6.36
C GLU C 10 32.11 4.67 7.41
N THR C 11 30.99 5.27 7.03
CA THR C 11 30.02 5.77 7.99
C THR C 11 29.22 4.62 8.59
N LEU C 12 29.00 4.69 9.91
CA LEU C 12 28.18 3.71 10.60
C LEU C 12 26.71 4.01 10.34
N VAL C 13 25.95 2.94 10.09
CA VAL C 13 24.55 3.00 9.74
C VAL C 13 23.77 1.92 10.49
N ARG C 14 22.47 2.14 10.63
CA ARG C 14 21.57 1.18 11.27
C ARG C 14 20.50 0.75 10.25
N PRO C 15 20.64 -0.46 9.69
CA PRO C 15 19.62 -0.97 8.76
C PRO C 15 18.23 -1.09 9.36
N LYS C 16 17.20 -0.90 8.53
CA LYS C 16 15.82 -1.06 8.92
C LYS C 16 15.51 -2.58 9.06
N PRO C 17 14.36 -2.97 9.66
CA PRO C 17 14.10 -4.41 9.88
C PRO C 17 14.23 -5.38 8.68
N LEU C 18 13.76 -5.00 7.48
CA LEU C 18 13.81 -5.92 6.34
C LEU C 18 15.26 -6.11 5.87
N LEU C 19 16.03 -5.02 5.85
CA LEU C 19 17.45 -5.13 5.48
C LEU C 19 18.21 -5.98 6.50
N LEU C 20 17.89 -5.81 7.79
CA LEU C 20 18.48 -6.59 8.88
C LEU C 20 18.23 -8.09 8.65
N LYS C 21 17.01 -8.47 8.20
CA LYS C 21 16.69 -9.86 7.92
C LYS C 21 17.57 -10.42 6.80
N LEU C 22 17.83 -9.64 5.72
CA LEU C 22 18.69 -10.12 4.63
C LEU C 22 20.10 -10.31 5.15
N LEU C 23 20.59 -9.37 5.97
CA LEU C 23 21.94 -9.43 6.52
C LEU C 23 22.09 -10.65 7.44
N LYS C 24 21.11 -10.88 8.31
CA LYS C 24 21.13 -12.04 9.21
C LYS C 24 21.10 -13.36 8.45
N SER C 25 20.46 -13.40 7.27
CA SER C 25 20.40 -14.61 6.46
C SER C 25 21.79 -15.07 5.99
N VAL C 26 22.76 -14.14 5.90
CA VAL C 26 24.13 -14.50 5.53
C VAL C 26 25.10 -14.42 6.72
N GLY C 27 24.58 -14.51 7.94
CA GLY C 27 25.41 -14.56 9.14
C GLY C 27 25.81 -13.24 9.77
N ALA C 28 25.30 -12.11 9.26
CA ALA C 28 25.62 -10.80 9.81
C ALA C 28 24.61 -10.54 10.91
N GLN C 29 25.04 -10.74 12.17
CA GLN C 29 24.23 -10.66 13.38
C GLN C 29 24.67 -9.48 14.26
N LYS C 30 24.58 -8.30 13.69
CA LYS C 30 24.77 -7.04 14.39
C LYS C 30 23.75 -6.05 13.84
N ASP C 31 23.47 -4.99 14.61
CA ASP C 31 22.50 -3.98 14.20
C ASP C 31 23.13 -2.68 13.69
N THR C 32 24.46 -2.53 13.79
CA THR C 32 25.18 -1.35 13.33
C THR C 32 26.35 -1.84 12.49
N TYR C 33 26.50 -1.29 11.30
CA TYR C 33 27.58 -1.65 10.38
C TYR C 33 28.04 -0.42 9.59
N THR C 34 29.24 -0.48 8.98
CA THR C 34 29.62 0.58 8.05
C THR C 34 28.89 0.27 6.73
N MET C 35 28.73 1.26 5.85
CA MET C 35 28.12 1.03 4.54
C MET C 35 28.90 -0.03 3.73
N LYS C 36 30.24 -0.01 3.81
CA LYS C 36 31.04 -1.00 3.12
C LYS C 36 30.70 -2.43 3.60
N GLU C 37 30.50 -2.60 4.91
CA GLU C 37 30.13 -3.91 5.46
C GLU C 37 28.76 -4.35 4.96
N VAL C 38 27.79 -3.42 4.88
CA VAL C 38 26.46 -3.73 4.34
C VAL C 38 26.58 -4.24 2.89
N LEU C 39 27.42 -3.55 2.10
CA LEU C 39 27.64 -3.97 0.71
C LEU C 39 28.36 -5.29 0.59
N PHE C 40 29.27 -5.60 1.52
CA PHE C 40 29.95 -6.88 1.52
C PHE C 40 28.92 -8.01 1.72
N TYR C 41 28.09 -7.88 2.76
CA TYR C 41 27.08 -8.90 3.06
C TYR C 41 26.02 -9.01 1.98
N LEU C 42 25.60 -7.88 1.37
CA LEU C 42 24.64 -7.93 0.26
C LEU C 42 25.23 -8.64 -0.95
N GLY C 43 26.53 -8.51 -1.18
CA GLY C 43 27.19 -9.21 -2.28
C GLY C 43 27.17 -10.70 -2.04
N GLN C 44 27.40 -11.12 -0.80
CA GLN C 44 27.36 -12.54 -0.42
C GLN C 44 25.92 -13.08 -0.55
N TYR C 45 24.94 -12.26 -0.19
CA TYR C 45 23.52 -12.60 -0.32
C TYR C 45 23.18 -12.85 -1.79
N ILE C 46 23.61 -11.96 -2.67
CA ILE C 46 23.37 -12.08 -4.11
C ILE C 46 23.95 -13.39 -4.67
N MET C 47 25.18 -13.76 -4.26
CA MET C 47 25.81 -15.00 -4.72
C MET C 47 25.08 -16.22 -4.13
N THR C 48 24.76 -16.22 -2.82
CA THR C 48 24.10 -17.39 -2.22
C THR C 48 22.70 -17.64 -2.80
N LYS C 49 21.96 -16.57 -3.14
CA LYS C 49 20.64 -16.71 -3.75
C LYS C 49 20.71 -16.86 -5.28
N ARG C 50 21.91 -16.89 -5.89
CA ARG C 50 22.13 -17.06 -7.32
C ARG C 50 21.41 -15.99 -8.13
N LEU C 51 21.46 -14.74 -7.65
CA LEU C 51 20.82 -13.63 -8.36
C LEU C 51 21.75 -12.98 -9.39
N TYR C 52 23.02 -13.41 -9.48
CA TYR C 52 23.98 -12.86 -10.44
C TYR C 52 24.63 -14.01 -11.23
N ASP C 53 24.84 -13.81 -12.53
CA ASP C 53 25.47 -14.79 -13.41
C ASP C 53 26.57 -14.14 -14.27
N GLN C 57 25.35 -10.20 -17.79
CA GLN C 57 26.46 -9.28 -18.00
C GLN C 57 26.28 -8.01 -17.14
N HIS C 58 26.80 -8.06 -15.89
CA HIS C 58 26.72 -6.99 -14.87
C HIS C 58 25.33 -6.70 -14.31
N ILE C 59 24.30 -7.47 -14.66
CA ILE C 59 22.93 -7.17 -14.24
C ILE C 59 22.41 -8.24 -13.26
N VAL C 60 21.82 -7.79 -12.13
CA VAL C 60 21.25 -8.64 -11.09
C VAL C 60 19.75 -8.60 -11.28
N TYR C 61 19.11 -9.75 -11.36
CA TYR C 61 17.65 -9.82 -11.50
C TYR C 61 17.12 -10.20 -10.13
N CYS C 62 16.27 -9.35 -9.55
CA CYS C 62 15.78 -9.54 -8.19
C CYS C 62 14.28 -9.34 -8.04
N SER C 63 13.51 -9.38 -9.14
CA SER C 63 12.07 -9.10 -9.10
C SER C 63 11.25 -9.95 -8.16
N ASN C 64 11.61 -11.23 -7.98
CA ASN C 64 10.85 -12.11 -7.08
C ASN C 64 11.69 -12.54 -5.89
N ASP C 65 12.49 -11.60 -5.36
CA ASP C 65 13.33 -11.81 -4.18
C ASP C 65 13.11 -10.63 -3.26
N LEU C 66 13.27 -10.83 -1.95
CA LEU C 66 13.15 -9.74 -0.98
C LEU C 66 14.08 -8.56 -1.31
N LEU C 67 15.22 -8.81 -1.98
CA LEU C 67 16.12 -7.72 -2.38
C LEU C 67 15.44 -6.74 -3.34
N GLY C 68 14.66 -7.26 -4.28
CA GLY C 68 13.93 -6.41 -5.22
C GLY C 68 12.85 -5.59 -4.53
N ASP C 69 12.19 -6.16 -3.53
CA ASP C 69 11.19 -5.44 -2.75
C ASP C 69 11.85 -4.30 -1.94
N LEU C 70 13.02 -4.58 -1.38
CA LEU C 70 13.82 -3.65 -0.58
C LEU C 70 14.32 -2.49 -1.44
N PHE C 71 14.87 -2.79 -2.62
CA PHE C 71 15.40 -1.77 -3.50
C PHE C 71 14.34 -1.09 -4.38
N GLY C 72 13.15 -1.70 -4.51
CA GLY C 72 12.07 -1.15 -5.30
C GLY C 72 12.28 -1.24 -6.80
N VAL C 73 13.13 -2.18 -7.25
CA VAL C 73 13.44 -2.35 -8.67
C VAL C 73 13.42 -3.83 -9.04
N PRO C 74 13.09 -4.20 -10.30
CA PRO C 74 13.17 -5.63 -10.69
C PRO C 74 14.60 -6.11 -11.02
N SER C 75 15.49 -5.17 -11.36
CA SER C 75 16.87 -5.48 -11.69
C SER C 75 17.73 -4.22 -11.59
N PHE C 76 19.05 -4.40 -11.47
CA PHE C 76 19.99 -3.29 -11.41
C PHE C 76 21.37 -3.72 -11.88
N SER C 77 22.23 -2.74 -12.22
CA SER C 77 23.60 -3.01 -12.66
C SER C 77 24.53 -2.97 -11.46
N VAL C 78 25.40 -3.99 -11.34
CA VAL C 78 26.39 -4.02 -10.25
C VAL C 78 27.46 -2.94 -10.39
N LYS C 79 27.60 -2.31 -11.58
CA LYS C 79 28.60 -1.29 -11.78
C LYS C 79 28.12 0.13 -11.36
N GLU C 80 26.80 0.30 -11.13
CA GLU C 80 26.23 1.59 -10.77
C GLU C 80 26.18 1.73 -9.25
N HIS C 81 27.36 1.95 -8.65
CA HIS C 81 27.48 2.00 -7.20
C HIS C 81 26.69 3.13 -6.54
N ARG C 82 26.61 4.31 -7.18
CA ARG C 82 25.84 5.40 -6.61
C ARG C 82 24.36 5.03 -6.51
N LYS C 83 23.80 4.42 -7.55
CA LYS C 83 22.40 4.01 -7.55
C LYS C 83 22.14 2.98 -6.45
N ILE C 84 23.08 2.06 -6.22
CA ILE C 84 22.97 1.03 -5.18
C ILE C 84 23.03 1.70 -3.79
N TYR C 85 23.95 2.65 -3.57
CA TYR C 85 23.98 3.41 -2.31
C TYR C 85 22.67 4.13 -2.04
N THR C 86 22.10 4.77 -3.06
CA THR C 86 20.80 5.43 -2.93
C THR C 86 19.70 4.45 -2.48
N MET C 87 19.68 3.25 -3.09
CA MET C 87 18.68 2.24 -2.75
C MET C 87 18.89 1.72 -1.33
N ILE C 88 20.15 1.59 -0.89
CA ILE C 88 20.43 1.14 0.47
C ILE C 88 20.05 2.23 1.47
N TYR C 89 20.36 3.49 1.17
CA TYR C 89 20.06 4.60 2.07
C TYR C 89 18.58 4.71 2.40
N ARG C 90 17.70 4.33 1.46
CA ARG C 90 16.27 4.32 1.72
C ARG C 90 15.86 3.27 2.76
N ASN C 91 16.75 2.30 3.09
CA ASN C 91 16.49 1.24 4.06
C ASN C 91 17.33 1.36 5.34
N LEU C 92 17.71 2.59 5.71
CA LEU C 92 18.42 2.85 6.96
C LEU C 92 17.56 3.69 7.89
C4 G7I D . -16.81 -9.06 9.78
C5 G7I D . -16.20 -10.28 9.98
C6 G7I D . -17.85 -9.11 11.91
C7 G7I D . -17.28 -10.32 12.15
C8 G7I D . -16.46 -10.91 11.19
C10 G7I D . -16.49 -12.42 12.88
C13 G7I D . -19.37 -12.67 12.47
C15 G7I D . -20.55 -12.93 10.38
C17 G7I D . -19.64 -14.84 11.47
C22 G7I D . -15.63 -10.34 14.79
C24 G7I D . -18.78 -12.30 14.97
C26 G7I D . -18.26 -10.73 16.84
C28 G7I D . -19.68 -11.17 16.84
C1 G7I D . -17.40 -11.25 13.32
C14 G7I D . -20.07 -12.14 11.40
C16 G7I D . -20.33 -14.29 10.42
C18 G7I D . -19.16 -14.04 12.49
C2 G7I D . -18.83 -11.77 13.55
C23 G7I D . -15.41 -9.31 15.80
C25 G7I D . -17.66 -11.51 15.67
C3 G7I D . -17.62 -8.47 10.72
C30 G7I D . -21.78 -11.91 16.84
C31 G7I D . -20.87 -11.10 17.57
C32 G7I D . -21.31 -10.47 18.73
C33 G7I D . -22.57 -10.68 19.18
C34 G7I D . -23.51 -11.49 18.52
C35 G7I D . -23.12 -12.13 17.31
C36 G7I D . -24.84 -11.67 19.20
C39 G7I D . -14.90 -9.77 17.08
C40 G7I D . -14.03 -9.03 16.15
C41 G7I D . -24.01 -12.99 16.47
F21 G7I D . -20.33 -10.82 11.37
N20 G7I D . -17.04 -10.66 14.61
N27 G7I D . -19.92 -11.97 15.78
N29 G7I D . -21.21 -12.41 15.75
N9 G7I D . -16.03 -12.15 11.63
O11 G7I D . -16.23 -13.41 13.57
O37 G7I D . -25.47 -12.73 19.00
O38 G7I D . -25.20 -10.77 19.99
CL12 G7I D . -16.56 -8.23 8.27
CL19 G7I D . -21.46 -12.19 9.10
H5 G7I D . -15.59 -10.73 9.21
H6 G7I D . -18.49 -8.66 12.67
H17 G7I D . -19.44 -15.90 11.52
H22B G7I D . -15.03 -11.23 15.00
H22A G7I D . -15.21 -9.92 13.87
H24 G7I D . -18.62 -13.38 15.07
H26B G7I D . -17.77 -10.95 17.80
H26A G7I D . -18.15 -9.66 16.62
H16 G7I D . -20.73 -14.94 9.64
H18 G7I D . -18.59 -14.53 13.26
H2 G7I D . -19.50 -10.90 13.58
H23 G7I D . -16.09 -8.47 15.74
H25 G7I D . -16.90 -12.17 16.07
H3 G7I D . -18.03 -7.48 10.54
H32 G7I D . -20.66 -9.81 19.30
H33 G7I D . -22.86 -10.20 20.11
H39A G7I D . -14.76 -10.83 17.22
H39B G7I D . -15.24 -9.25 17.98
H40B G7I D . -13.28 -9.57 15.58
H40A G7I D . -13.73 -8.02 16.41
H41C G7I D . -25.05 -12.70 16.57
H41A G7I D . -23.92 -14.05 16.72
H41B G7I D . -23.77 -12.86 15.40
H9 G7I D . -15.48 -12.82 11.10
C4 G7I E . -2.11 13.29 -8.85
C5 G7I E . -1.65 14.53 -8.48
C6 G7I E . -0.93 13.33 -10.91
C7 G7I E . -0.45 14.57 -10.59
C8 G7I E . -0.81 15.17 -9.39
C10 G7I E . 0.54 16.70 -10.38
C13 G7I E . -1.46 16.82 -12.58
C15 G7I E . -3.86 16.99 -12.32
C17 G7I E . -2.53 18.96 -12.24
C22 G7I E . 2.62 14.62 -10.74
C24 G7I E . 0.95 16.50 -13.48
C26 G7I E . 2.83 15.00 -14.07
C28 G7I E . 2.01 15.38 -15.26
C1 G7I E . 0.40 15.52 -11.38
C14 G7I E . -2.71 16.25 -12.50
C16 G7I E . -3.76 18.35 -12.18
C18 G7I E . -1.39 18.20 -12.43
C2 G7I E . -0.25 15.94 -12.72
C23 G7I E . 3.61 13.51 -11.14
C25 G7I E . 2.15 15.74 -12.91
C3 G7I E . -1.78 12.68 -10.04
C30 G7I E . 0.77 16.00 -16.99
C31 G7I E . 1.92 15.27 -16.66
C32 G7I E . 2.70 14.72 -17.69
C33 G7I E . 2.34 14.96 -18.98
C34 G7I E . 1.21 15.71 -19.37
C35 G7I E . 0.41 16.24 -18.37
C36 G7I E . 0.89 15.94 -20.82
C39 G7I E . 4.72 13.35 -10.22
C40 G7I E . 4.98 13.76 -11.60
C41 G7I E . -0.77 17.11 -18.67
F21 G7I E . -2.84 14.91 -12.68
N20 G7I E . 1.66 14.91 -11.81
N27 G7I E . 0.97 16.13 -14.87
N29 G7I E . 0.18 16.52 -15.92
N9 G7I E . -0.23 16.44 -9.31
O11 G7I E . 1.23 17.71 -10.55
O37 G7I E . -0.32 15.91 -21.16
O38 G7I E . 1.85 16.16 -21.59
CL12 G7I E . -3.20 12.46 -7.78
CL19 G7I E . -5.40 16.21 -12.36
H5 G7I E . -1.96 14.99 -7.55
H6 G7I E . -0.65 12.87 -11.86
H17 G7I E . -2.44 20.04 -12.15
H22B G7I E . 3.16 15.51 -10.40
H22A G7I E . 2.11 14.23 -9.86
H24 G7I E . 1.10 17.59 -13.45
H26B G7I E . 3.87 15.29 -14.20
H26A G7I E . 2.79 13.91 -13.86
H16 G7I E . -4.67 18.95 -12.08
H18 G7I E . -0.44 18.72 -12.50
H2 G7I E . -0.55 15.06 -13.28
H23 G7I E . 3.13 12.59 -11.43
H25 G7I E . 2.89 16.44 -12.50
H3 G7I E . -2.19 11.72 -10.30
H32 G7I E . 3.56 14.10 -17.48
H33 G7I E . 2.96 14.52 -19.77
H39A G7I E . 4.99 12.34 -9.90
H39B G7I E . 4.87 14.11 -9.45
H40B G7I E . 5.41 13.05 -12.29
H40A G7I E . 5.28 14.79 -11.78
H41C G7I E . -0.46 18.13 -18.90
H41A G7I E . -1.47 17.19 -17.82
H41B G7I E . -1.32 16.74 -19.54
H9 G7I E . -0.35 17.11 -8.55
C4 G7I F . 25.19 -5.03 -3.82
C5 G7I F . 26.29 -5.40 -3.09
C6 G7I F . 26.39 -5.21 -5.87
C7 G7I F . 27.53 -5.58 -5.17
C8 G7I F . 27.46 -5.68 -3.78
C10 G7I F . 29.63 -6.20 -4.26
C13 G7I F . 29.90 -3.43 -5.39
C15 G7I F . 29.14 -1.37 -4.38
C17 G7I F . 31.29 -2.22 -3.81
C22 G7I F . 28.82 -8.29 -6.21
C24 G7I F . 30.81 -5.25 -7.03
C26 G7I F . 30.38 -6.93 -8.82
C28 G7I F . 30.85 -5.62 -9.36
C1 G7I F . 28.93 -5.87 -5.61
C14 G7I F . 28.94 -2.45 -5.23
C16 G7I F . 30.32 -1.25 -3.68
C18 G7I F . 31.09 -3.29 -4.68
C2 G7I F . 29.62 -4.64 -6.28
C23 G7I F . 28.28 -9.22 -7.34
C25 G7I F . 30.40 -6.71 -7.31
C3 G7I F . 25.22 -4.93 -5.20
C30 G7I F . 31.62 -3.68 -10.10
C31 G7I F . 31.24 -4.97 -10.52
C32 G7I F . 31.41 -5.35 -11.86
C33 G7I F . 31.95 -4.48 -12.73
C34 G7I F . 32.34 -3.17 -12.34
C35 G7I F . 32.19 -2.76 -11.04
C36 G7I F . 32.99 -2.33 -13.39
C39 G7I F . 29.25 -10.06 -8.11
C40 G7I F . 28.22 -10.71 -7.25
C41 G7I F . 32.66 -1.42 -10.55
F21 G7I F . 27.77 -2.53 -5.89
N20 G7I F . 29.10 -6.92 -6.63
N27 G7I F . 31.01 -4.74 -8.35
N29 G7I F . 31.48 -3.53 -8.79
N9 G7I F . 28.70 -6.07 -3.27
O11 G7I F . 30.80 -6.50 -4.11
O37 G7I F . 32.43 -1.26 -13.70
O38 G7I F . 34.06 -2.75 -13.89
CL12 G7I F . 23.74 -4.57 -2.98
CL19 G7I F . 27.92 -0.13 -4.25
H5 G7I F . 26.25 -5.45 -2.00
H6 G7I F . 26.42 -5.16 -6.96
H17 G7I F . 32.22 -2.15 -3.26
H22B G7I F . 29.69 -8.75 -5.73
H22A G7I F . 28.02 -8.29 -5.46
H24 G7I F . 31.79 -5.20 -6.54
H26B G7I F . 31.04 -7.74 -9.14
H26A G7I F . 29.37 -7.16 -9.16
H16 G7I F . 30.51 -0.40 -3.03
H18 G7I F . 31.89 -4.01 -4.74
H2 G7I F . 28.95 -4.28 -7.05
H23 G7I F . 27.50 -8.73 -7.91
H25 G7I F . 31.14 -7.40 -6.90
H3 G7I F . 24.34 -4.64 -5.75
H32 G7I F . 31.12 -6.34 -12.23
H33 G7I F . 32.09 -4.77 -13.76
H39A G7I F . 30.28 -10.07 -7.78
H39B G7I F . 29.13 -10.14 -9.18
H40B G7I F . 28.56 -11.17 -6.33
H40A G7I F . 27.42 -11.23 -7.73
H41C G7I F . 32.42 -1.24 -9.50
H41A G7I F . 32.19 -0.62 -11.12
H41B G7I F . 33.75 -1.34 -10.63
H9 G7I F . 28.92 -6.22 -2.30
#